data_5X54
#
_entry.id   5X54
#
_cell.length_a   68.566
_cell.length_b   75.705
_cell.length_c   168.132
_cell.angle_alpha   90.00
_cell.angle_beta   90.00
_cell.angle_gamma   90.00
#
_symmetry.space_group_name_H-M   'P 21 21 21'
#
loop_
_entity.id
_entity.type
_entity.pdbx_description
1 polymer 'Kelch-like ECH-associated protein 1'
2 polymer ACE-GLU-TRP-TRP-TRP
3 non-polymer 'ACETATE ION'
4 water water
#
loop_
_entity_poly.entity_id
_entity_poly.type
_entity_poly.pdbx_seq_one_letter_code
_entity_poly.pdbx_strand_id
1 'polypeptide(L)'
;GSAPKVGRLIYTAGGYFRQSLSYLEAYNPSDGTWLRLADLQVPRSGLAGCVVGGLLYAVGGRNNSPDGNTDSSALDCYNP
MTNQWSPCAPMSVPRNRIGVGVIDGHIYAVGGSHGCIHHNSVERYEPERDEWHLVAPMLTRRIGVGVAVLNRLLYAVGGF
DGTNRLNSAECYYPERNEWRMITAMNTIRSGAGVCVLHNCIYAAGGYDGQDQLNSVERYDVETETWTFVAPMKHRRSALG
ITVHQGRIYVLGGYDGHTFLDSVECYDPDTDTWSEVTRMTSGRSGVGVAVT
;
A,B
2 'polypeptide(L)' (ACE)EWWW C,D
#
# COMPACT_ATOMS: atom_id res chain seq x y z
N GLY A 7 20.19 -18.25 -4.97
CA GLY A 7 21.08 -17.17 -5.48
C GLY A 7 20.43 -16.46 -6.66
N ARG A 8 19.63 -15.44 -6.35
CA ARG A 8 18.97 -14.61 -7.37
C ARG A 8 19.96 -13.66 -8.03
N LEU A 9 19.69 -13.34 -9.30
CA LEU A 9 20.61 -12.59 -10.16
C LEU A 9 19.96 -11.33 -10.69
N ILE A 10 20.77 -10.33 -11.00
CA ILE A 10 20.33 -9.10 -11.64
C ILE A 10 20.53 -9.28 -13.15
N TYR A 11 19.44 -9.30 -13.91
CA TYR A 11 19.50 -9.42 -15.36
C TYR A 11 19.49 -8.02 -16.01
N THR A 12 20.41 -7.77 -16.93
CA THR A 12 20.41 -6.56 -17.75
C THR A 12 20.26 -6.92 -19.24
N ALA A 13 19.24 -6.36 -19.90
CA ALA A 13 18.90 -6.65 -21.28
C ALA A 13 18.97 -5.40 -22.17
N GLY A 14 19.54 -5.56 -23.35
CA GLY A 14 19.57 -4.52 -24.35
C GLY A 14 20.46 -3.35 -23.94
N GLY A 15 20.11 -2.17 -24.43
CA GLY A 15 20.84 -0.94 -24.14
C GLY A 15 21.29 -0.20 -25.37
N TYR A 16 22.10 0.84 -25.15
CA TYR A 16 22.58 1.70 -26.21
C TYR A 16 24.04 2.02 -26.00
N PHE A 17 24.80 1.86 -27.07
CA PHE A 17 26.16 2.39 -27.20
C PHE A 17 26.49 2.33 -28.68
N ARG A 18 26.64 3.49 -29.31
CA ARG A 18 26.65 3.62 -30.80
C ARG A 18 25.29 3.34 -31.43
N GLN A 19 24.74 2.15 -31.16
CA GLN A 19 23.47 1.72 -31.64
C GLN A 19 22.76 0.91 -30.56
N SER A 20 21.51 0.56 -30.83
CA SER A 20 20.76 -0.31 -29.94
C SER A 20 21.43 -1.69 -29.89
N LEU A 21 21.41 -2.31 -28.70
CA LEU A 21 22.19 -3.52 -28.38
C LEU A 21 21.31 -4.73 -28.07
N SER A 22 21.91 -5.92 -28.16
CA SER A 22 21.21 -7.17 -27.93
C SER A 22 21.65 -7.93 -26.66
N TYR A 23 22.55 -7.36 -25.87
CA TYR A 23 23.15 -8.09 -24.73
C TYR A 23 22.11 -8.49 -23.68
N LEU A 24 22.22 -9.74 -23.21
CA LEU A 24 21.58 -10.17 -21.98
C LEU A 24 22.70 -10.69 -21.11
N GLU A 25 22.89 -10.05 -19.96
CA GLU A 25 23.91 -10.48 -19.00
C GLU A 25 23.31 -10.55 -17.61
N ALA A 26 23.92 -11.34 -16.74
CA ALA A 26 23.41 -11.53 -15.38
C ALA A 26 24.52 -11.36 -14.38
N TYR A 27 24.27 -10.55 -13.35
CA TYR A 27 25.25 -10.29 -12.31
C TYR A 27 24.80 -11.02 -11.06
N ASN A 28 25.73 -11.70 -10.40
CA ASN A 28 25.47 -12.33 -9.10
C ASN A 28 26.10 -11.48 -7.98
N PRO A 29 25.27 -10.77 -7.19
CA PRO A 29 25.86 -9.89 -6.19
C PRO A 29 26.60 -10.58 -5.06
N SER A 30 26.28 -11.84 -4.76
CA SER A 30 26.93 -12.51 -3.64
C SER A 30 28.34 -13.05 -4.01
N ASP A 31 28.67 -13.18 -5.30
CA ASP A 31 30.07 -13.51 -5.70
C ASP A 31 30.76 -12.58 -6.76
N GLY A 32 30.10 -11.50 -7.17
CA GLY A 32 30.68 -10.51 -8.10
C GLY A 32 30.90 -10.93 -9.55
N THR A 33 30.41 -12.10 -9.97
CA THR A 33 30.60 -12.58 -11.35
C THR A 33 29.47 -12.18 -12.32
N TRP A 34 29.86 -11.93 -13.57
CA TRP A 34 28.93 -11.71 -14.68
C TRP A 34 28.87 -12.93 -15.59
N LEU A 35 27.70 -13.17 -16.17
CA LEU A 35 27.46 -14.32 -17.01
C LEU A 35 26.77 -13.82 -18.29
N ARG A 36 27.35 -14.13 -19.45
CA ARG A 36 26.77 -13.77 -20.75
C ARG A 36 25.71 -14.80 -21.10
N LEU A 37 24.51 -14.34 -21.40
CA LEU A 37 23.37 -15.21 -21.76
C LEU A 37 22.91 -14.94 -23.22
N ALA A 38 21.84 -15.61 -23.65
CA ALA A 38 21.40 -15.51 -25.04
C ALA A 38 20.95 -14.10 -25.42
N ASP A 39 21.42 -13.65 -26.59
CA ASP A 39 21.07 -12.34 -27.13
C ASP A 39 19.57 -12.23 -27.28
N LEU A 40 19.06 -11.02 -27.08
CA LEU A 40 17.75 -10.62 -27.59
C LEU A 40 17.71 -10.92 -29.09
N GLN A 41 16.59 -11.44 -29.56
CA GLN A 41 16.35 -11.66 -30.99
C GLN A 41 16.45 -10.38 -31.84
N VAL A 42 16.09 -9.24 -31.25
CA VAL A 42 16.09 -7.94 -31.89
C VAL A 42 16.74 -6.93 -30.93
N PRO A 43 17.75 -6.17 -31.40
CA PRO A 43 18.35 -5.19 -30.50
C PRO A 43 17.33 -4.14 -30.05
N ARG A 44 17.49 -3.62 -28.84
CA ARG A 44 16.54 -2.68 -28.24
C ARG A 44 17.21 -1.82 -27.19
N SER A 45 16.89 -0.52 -27.18
CA SER A 45 17.20 0.36 -26.07
C SER A 45 15.94 1.12 -25.72
N GLY A 46 15.88 1.65 -24.50
CA GLY A 46 14.67 2.35 -24.06
C GLY A 46 13.54 1.41 -23.73
N LEU A 47 13.88 0.17 -23.46
CA LEU A 47 12.95 -0.86 -23.07
C LEU A 47 12.94 -0.97 -21.54
N ALA A 48 12.03 -1.80 -21.07
CA ALA A 48 11.97 -2.11 -19.64
C ALA A 48 11.94 -3.61 -19.44
N GLY A 49 12.40 -4.02 -18.26
CA GLY A 49 12.46 -5.42 -17.86
C GLY A 49 11.59 -5.62 -16.64
N CYS A 50 10.99 -6.78 -16.53
CA CYS A 50 10.27 -7.17 -15.31
C CYS A 50 10.21 -8.68 -15.23
N VAL A 51 9.80 -9.17 -14.05
CA VAL A 51 9.72 -10.60 -13.78
C VAL A 51 8.31 -10.98 -13.37
N VAL A 52 7.83 -12.09 -13.93
CA VAL A 52 6.58 -12.72 -13.50
C VAL A 52 6.76 -14.23 -13.49
N GLY A 53 6.50 -14.85 -12.33
CA GLY A 53 6.62 -16.31 -12.14
C GLY A 53 7.95 -16.90 -12.54
N GLY A 54 9.04 -16.21 -12.18
CA GLY A 54 10.41 -16.66 -12.54
C GLY A 54 10.85 -16.44 -13.98
N LEU A 55 10.02 -15.78 -14.80
CA LEU A 55 10.37 -15.51 -16.21
C LEU A 55 10.67 -14.04 -16.38
N LEU A 56 11.70 -13.73 -17.16
CA LEU A 56 12.09 -12.36 -17.46
C LEU A 56 11.39 -11.88 -18.72
N TYR A 57 10.74 -10.72 -18.66
CA TYR A 57 10.17 -10.09 -19.84
C TYR A 57 10.87 -8.78 -20.20
N ALA A 58 11.12 -8.60 -21.49
CA ALA A 58 11.62 -7.37 -22.04
C ALA A 58 10.53 -6.72 -22.91
N VAL A 59 10.21 -5.46 -22.62
CA VAL A 59 9.05 -4.80 -23.18
C VAL A 59 9.44 -3.49 -23.86
N GLY A 60 8.93 -3.29 -25.08
CA GLY A 60 9.09 -2.02 -25.79
C GLY A 60 10.50 -1.66 -26.17
N GLY A 61 10.78 -0.37 -26.22
CA GLY A 61 12.07 0.16 -26.63
C GLY A 61 12.08 0.50 -28.10
N ARG A 62 13.29 0.69 -28.63
CA ARG A 62 13.51 0.88 -30.07
C ARG A 62 14.84 0.32 -30.53
N ASN A 63 14.94 0.10 -31.84
CA ASN A 63 16.16 -0.33 -32.47
C ASN A 63 16.65 0.77 -33.42
N ASN A 64 17.61 1.57 -32.94
CA ASN A 64 18.30 2.57 -33.79
C ASN A 64 19.58 1.91 -34.29
N SER A 65 19.66 1.72 -35.61
CA SER A 65 20.67 0.88 -36.21
C SER A 65 21.13 1.51 -37.53
N PRO A 66 22.05 0.85 -38.26
CA PRO A 66 22.38 1.37 -39.60
C PRO A 66 21.19 1.45 -40.60
N ASP A 67 20.18 0.58 -40.44
CA ASP A 67 19.01 0.53 -41.34
C ASP A 67 17.95 1.59 -41.05
N GLY A 68 18.13 2.35 -39.96
CA GLY A 68 17.18 3.37 -39.51
C GLY A 68 16.69 3.09 -38.10
N ASN A 69 15.57 3.72 -37.72
CA ASN A 69 14.93 3.47 -36.42
C ASN A 69 13.56 2.78 -36.53
N THR A 70 13.34 1.79 -35.68
CA THR A 70 12.06 1.11 -35.56
C THR A 70 11.74 1.06 -34.06
N ASP A 71 10.69 1.78 -33.67
CA ASP A 71 10.13 1.68 -32.32
C ASP A 71 9.47 0.32 -32.14
N SER A 72 9.54 -0.26 -30.94
CA SER A 72 9.10 -1.64 -30.70
C SER A 72 7.79 -1.73 -29.90
N SER A 73 6.87 -2.54 -30.42
CA SER A 73 5.70 -3.05 -29.68
C SER A 73 5.94 -4.45 -29.07
N ALA A 74 7.18 -4.94 -29.12
CA ALA A 74 7.50 -6.32 -28.73
C ALA A 74 7.42 -6.59 -27.21
N LEU A 75 6.91 -7.77 -26.87
CA LEU A 75 7.09 -8.37 -25.56
C LEU A 75 7.78 -9.69 -25.80
N ASP A 76 8.93 -9.89 -25.16
CA ASP A 76 9.67 -11.14 -25.28
C ASP A 76 9.95 -11.72 -23.91
N CYS A 77 9.96 -13.04 -23.84
CA CYS A 77 10.07 -13.78 -22.59
C CYS A 77 11.33 -14.65 -22.56
N TYR A 78 12.20 -14.42 -21.59
CA TYR A 78 13.41 -15.23 -21.41
C TYR A 78 13.23 -16.15 -20.20
N ASN A 79 13.55 -17.42 -20.39
CA ASN A 79 13.45 -18.44 -19.35
C ASN A 79 14.86 -18.75 -18.90
N PRO A 80 15.23 -18.37 -17.64
CA PRO A 80 16.58 -18.65 -17.17
C PRO A 80 16.96 -20.12 -17.17
N MET A 81 15.98 -21.03 -17.02
CA MET A 81 16.24 -22.47 -16.99
C MET A 81 16.65 -23.07 -18.33
N THR A 82 16.15 -22.51 -19.43
CA THR A 82 16.47 -23.00 -20.76
C THR A 82 17.44 -22.10 -21.52
N ASN A 83 17.70 -20.89 -21.00
CA ASN A 83 18.49 -19.86 -21.72
C ASN A 83 17.95 -19.61 -23.15
N GLN A 84 16.64 -19.47 -23.25
CA GLN A 84 15.93 -19.24 -24.52
C GLN A 84 14.94 -18.11 -24.44
N TRP A 85 14.87 -17.30 -25.50
CA TRP A 85 13.90 -16.24 -25.64
C TRP A 85 12.70 -16.75 -26.46
N SER A 86 11.49 -16.33 -26.09
CA SER A 86 10.26 -16.59 -26.84
C SER A 86 9.47 -15.31 -27.02
N PRO A 87 9.05 -15.00 -28.26
CA PRO A 87 8.13 -13.88 -28.41
C PRO A 87 6.74 -14.14 -27.82
N CYS A 88 6.14 -13.07 -27.31
CA CYS A 88 4.77 -13.07 -26.82
C CYS A 88 3.94 -12.14 -27.71
N ALA A 89 2.65 -12.04 -27.40
CA ALA A 89 1.78 -11.14 -28.12
C ALA A 89 2.32 -9.71 -28.10
N PRO A 90 2.30 -9.03 -29.25
CA PRO A 90 2.73 -7.64 -29.29
C PRO A 90 1.80 -6.74 -28.50
N MET A 91 2.33 -5.66 -27.95
CA MET A 91 1.49 -4.59 -27.41
C MET A 91 0.60 -3.97 -28.52
N SER A 92 -0.43 -3.25 -28.12
CA SER A 92 -1.31 -2.54 -29.06
C SER A 92 -0.58 -1.53 -29.97
N VAL A 93 0.50 -0.95 -29.46
CA VAL A 93 1.23 0.11 -30.16
C VAL A 93 2.70 0.04 -29.75
N PRO A 94 3.62 0.50 -30.61
CA PRO A 94 5.01 0.63 -30.15
C PRO A 94 5.16 1.62 -29.00
N ARG A 95 6.05 1.31 -28.07
CA ARG A 95 6.32 2.13 -26.90
C ARG A 95 7.80 2.20 -26.61
N ASN A 96 8.45 3.24 -27.14
CA ASN A 96 9.84 3.53 -26.82
C ASN A 96 9.88 4.30 -25.52
N ARG A 97 10.85 4.02 -24.68
CA ARG A 97 11.03 4.73 -23.41
C ARG A 97 9.79 4.55 -22.51
N ILE A 98 9.40 3.29 -22.48
CA ILE A 98 8.30 2.76 -21.72
C ILE A 98 8.64 2.63 -20.25
N GLY A 99 7.62 2.64 -19.42
CA GLY A 99 7.74 2.22 -18.04
C GLY A 99 6.85 1.01 -17.83
N VAL A 100 7.27 0.14 -16.91
CA VAL A 100 6.64 -1.16 -16.66
C VAL A 100 6.58 -1.49 -15.16
N GLY A 101 5.47 -2.10 -14.77
CA GLY A 101 5.30 -2.59 -13.41
C GLY A 101 4.38 -3.77 -13.42
N VAL A 102 4.40 -4.54 -12.33
CA VAL A 102 3.68 -5.77 -12.21
C VAL A 102 2.73 -5.70 -11.04
N ILE A 103 1.45 -6.05 -11.27
CA ILE A 103 0.45 -6.21 -10.21
C ILE A 103 -0.36 -7.46 -10.49
N ASP A 104 -0.48 -8.31 -9.47
CA ASP A 104 -1.24 -9.55 -9.50
C ASP A 104 -0.91 -10.46 -10.68
N GLY A 105 0.37 -10.60 -10.97
CA GLY A 105 0.81 -11.39 -12.13
C GLY A 105 0.61 -10.78 -13.51
N HIS A 106 0.20 -9.51 -13.56
CA HIS A 106 -0.03 -8.83 -14.83
C HIS A 106 1.03 -7.72 -15.08
N ILE A 107 1.43 -7.57 -16.33
CA ILE A 107 2.45 -6.60 -16.71
C ILE A 107 1.75 -5.37 -17.27
N TYR A 108 2.00 -4.23 -16.64
CA TYR A 108 1.44 -2.95 -17.06
C TYR A 108 2.50 -2.21 -17.85
N ALA A 109 2.16 -1.85 -19.09
CA ALA A 109 3.00 -1.09 -20.00
C ALA A 109 2.48 0.33 -20.01
N VAL A 110 3.34 1.29 -19.66
CA VAL A 110 2.94 2.65 -19.37
C VAL A 110 3.61 3.63 -20.32
N GLY A 111 2.81 4.43 -21.00
CA GLY A 111 3.32 5.56 -21.78
C GLY A 111 4.34 5.16 -22.82
N GLY A 112 5.34 6.00 -23.01
CA GLY A 112 6.33 5.79 -24.07
C GLY A 112 5.91 6.44 -25.37
N SER A 113 6.70 6.26 -26.41
CA SER A 113 6.50 6.95 -27.67
C SER A 113 6.45 6.03 -28.88
N HIS A 114 5.78 6.50 -29.92
CA HIS A 114 5.81 5.89 -31.22
C HIS A 114 5.98 7.02 -32.22
N GLY A 115 7.15 7.06 -32.86
CA GLY A 115 7.54 8.22 -33.66
C GLY A 115 7.41 9.46 -32.80
N CYS A 116 6.57 10.38 -33.26
CA CYS A 116 6.34 11.67 -32.59
C CYS A 116 5.14 11.67 -31.60
N ILE A 117 4.36 10.60 -31.59
CA ILE A 117 3.26 10.45 -30.63
C ILE A 117 3.82 10.03 -29.26
N HIS A 118 3.52 10.84 -28.24
CA HIS A 118 3.88 10.55 -26.87
C HIS A 118 2.65 10.04 -26.17
N HIS A 119 2.68 8.79 -25.73
CA HIS A 119 1.48 8.13 -25.22
C HIS A 119 1.15 8.58 -23.80
N ASN A 120 -0.14 8.81 -23.54
CA ASN A 120 -0.65 8.72 -22.16
C ASN A 120 -1.31 7.37 -21.87
N SER A 121 -1.42 6.53 -22.90
CA SER A 121 -2.16 5.26 -22.82
C SER A 121 -1.42 4.22 -22.01
N VAL A 122 -2.16 3.24 -21.51
CA VAL A 122 -1.61 2.20 -20.65
C VAL A 122 -2.33 0.92 -21.00
N GLU A 123 -1.62 -0.20 -20.96
CA GLU A 123 -2.19 -1.52 -21.26
C GLU A 123 -1.57 -2.61 -20.37
N ARG A 124 -2.27 -3.73 -20.25
CA ARG A 124 -2.01 -4.75 -19.27
C ARG A 124 -1.90 -6.12 -19.95
N TYR A 125 -0.81 -6.84 -19.68
CA TYR A 125 -0.60 -8.19 -20.21
C TYR A 125 -0.90 -9.29 -19.16
N GLU A 126 -1.71 -10.28 -19.54
CA GLU A 126 -1.91 -11.51 -18.75
C GLU A 126 -1.10 -12.67 -19.30
N PRO A 127 -0.02 -13.11 -18.62
CA PRO A 127 0.74 -14.25 -19.18
C PRO A 127 -0.05 -15.53 -19.48
N GLU A 128 -1.05 -15.89 -18.68
CA GLU A 128 -1.78 -17.15 -18.88
C GLU A 128 -2.67 -17.19 -20.12
N ARG A 129 -3.06 -16.02 -20.63
CA ARG A 129 -3.82 -15.90 -21.87
C ARG A 129 -3.01 -15.38 -23.09
N ASP A 130 -1.82 -14.83 -22.84
CA ASP A 130 -0.99 -14.16 -23.88
C ASP A 130 -1.77 -13.04 -24.59
N GLU A 131 -2.37 -12.15 -23.80
CA GLU A 131 -3.24 -11.08 -24.30
C GLU A 131 -2.93 -9.77 -23.61
N TRP A 132 -3.04 -8.69 -24.37
CA TRP A 132 -2.99 -7.33 -23.85
C TRP A 132 -4.41 -6.71 -23.87
N HIS A 133 -4.73 -5.92 -22.85
CA HIS A 133 -6.00 -5.17 -22.76
C HIS A 133 -5.69 -3.71 -22.37
N LEU A 134 -6.38 -2.73 -22.98
CA LEU A 134 -6.23 -1.32 -22.58
C LEU A 134 -6.81 -1.10 -21.18
N VAL A 135 -6.11 -0.31 -20.38
CA VAL A 135 -6.63 0.18 -19.12
C VAL A 135 -6.75 1.69 -19.26
N ALA A 136 -7.23 2.33 -18.21
CA ALA A 136 -7.41 3.78 -18.18
C ALA A 136 -6.10 4.51 -18.51
N PRO A 137 -6.18 5.54 -19.37
CA PRO A 137 -4.98 6.28 -19.70
C PRO A 137 -4.55 7.18 -18.55
N MET A 138 -3.27 7.52 -18.50
CA MET A 138 -2.75 8.44 -17.48
C MET A 138 -3.31 9.81 -17.72
N LEU A 139 -3.18 10.67 -16.71
CA LEU A 139 -3.56 12.08 -16.85
C LEU A 139 -2.58 12.90 -17.68
N THR A 140 -1.37 12.37 -17.87
CA THR A 140 -0.30 13.04 -18.58
C THR A 140 0.38 12.09 -19.56
N ARG A 141 0.76 12.61 -20.72
CA ARG A 141 1.61 11.89 -21.67
C ARG A 141 3.01 11.81 -21.08
N ARG A 142 3.57 10.61 -20.99
CA ARG A 142 4.91 10.45 -20.39
C ARG A 142 5.76 9.44 -21.15
N ILE A 143 6.90 9.89 -21.62
CA ILE A 143 7.93 8.98 -22.12
C ILE A 143 9.17 9.22 -21.28
N GLY A 144 9.95 8.15 -21.14
CA GLY A 144 11.09 8.19 -20.25
C GLY A 144 10.56 8.24 -18.82
N VAL A 145 9.46 7.55 -18.62
CA VAL A 145 8.73 7.54 -17.35
C VAL A 145 9.32 6.40 -16.53
N GLY A 146 9.41 6.61 -15.23
CA GLY A 146 9.78 5.56 -14.31
C GLY A 146 8.50 5.05 -13.67
N VAL A 147 8.44 3.74 -13.43
CA VAL A 147 7.26 3.08 -12.87
C VAL A 147 7.67 2.19 -11.72
N ALA A 148 6.84 2.18 -10.66
CA ALA A 148 7.05 1.32 -9.50
C ALA A 148 5.75 0.87 -8.91
N VAL A 149 5.75 -0.30 -8.29
CA VAL A 149 4.55 -0.84 -7.67
C VAL A 149 4.77 -1.00 -6.17
N LEU A 150 3.87 -0.45 -5.37
CA LEU A 150 3.92 -0.63 -3.93
C LEU A 150 2.51 -0.77 -3.38
N ASN A 151 2.25 -1.84 -2.63
CA ASN A 151 0.94 -2.07 -2.01
C ASN A 151 -0.15 -2.21 -3.08
N ARG A 152 0.18 -2.86 -4.20
CA ARG A 152 -0.71 -3.11 -5.33
C ARG A 152 -1.26 -1.81 -5.95
N LEU A 153 -0.44 -0.75 -5.89
CA LEU A 153 -0.73 0.51 -6.56
C LEU A 153 0.46 0.82 -7.44
N LEU A 154 0.20 1.37 -8.62
CA LEU A 154 1.25 1.60 -9.58
C LEU A 154 1.53 3.09 -9.70
N TYR A 155 2.79 3.47 -9.64
CA TYR A 155 3.17 4.88 -9.74
C TYR A 155 3.92 5.12 -11.03
N ALA A 156 3.57 6.19 -11.73
CA ALA A 156 4.27 6.68 -12.88
C ALA A 156 4.88 8.04 -12.52
N VAL A 157 6.19 8.13 -12.63
CA VAL A 157 6.98 9.25 -12.17
C VAL A 157 7.77 9.91 -13.28
N GLY A 158 7.61 11.22 -13.42
CA GLY A 158 8.47 12.00 -14.29
C GLY A 158 8.26 11.68 -15.74
N GLY A 159 9.28 11.96 -16.54
CA GLY A 159 9.27 11.70 -17.96
C GLY A 159 9.18 12.99 -18.74
N PHE A 160 8.67 12.87 -19.97
CA PHE A 160 8.66 13.94 -20.98
C PHE A 160 7.32 13.87 -21.72
N ASP A 161 6.57 14.96 -21.78
CA ASP A 161 5.22 14.92 -22.38
C ASP A 161 5.13 15.28 -23.89
N GLY A 162 6.27 15.41 -24.55
CA GLY A 162 6.31 15.95 -25.91
C GLY A 162 6.75 17.41 -26.00
N THR A 163 6.66 18.14 -24.89
CA THR A 163 7.06 19.55 -24.81
C THR A 163 7.99 19.85 -23.62
N ASN A 164 7.55 19.45 -22.43
CA ASN A 164 8.29 19.65 -21.19
C ASN A 164 8.65 18.33 -20.50
N ARG A 165 9.82 18.33 -19.86
CA ARG A 165 10.19 17.27 -18.92
C ARG A 165 9.41 17.52 -17.64
N LEU A 166 9.16 16.46 -16.88
CA LEU A 166 8.15 16.46 -15.83
C LEU A 166 8.73 16.15 -14.45
N ASN A 167 8.29 16.91 -13.45
CA ASN A 167 8.50 16.57 -12.04
C ASN A 167 7.25 15.94 -11.43
N SER A 168 6.16 15.93 -12.17
CA SER A 168 4.90 15.36 -11.69
C SER A 168 4.89 13.84 -11.63
N ALA A 169 3.92 13.33 -10.88
CA ALA A 169 3.74 11.90 -10.73
C ALA A 169 2.30 11.58 -10.42
N GLU A 170 1.94 10.33 -10.68
CA GLU A 170 0.55 9.92 -10.54
C GLU A 170 0.44 8.45 -10.22
N CYS A 171 -0.68 8.07 -9.61
CA CYS A 171 -0.89 6.75 -9.04
C CYS A 171 -2.11 6.09 -9.66
N TYR A 172 -1.98 4.82 -10.00
CA TYR A 172 -3.06 4.05 -10.64
C TYR A 172 -3.67 3.07 -9.66
N TYR A 173 -5.00 3.06 -9.56
CA TYR A 173 -5.72 2.21 -8.62
C TYR A 173 -6.48 1.14 -9.40
N PRO A 174 -5.99 -0.11 -9.41
CA PRO A 174 -6.54 -1.14 -10.31
C PRO A 174 -8.00 -1.48 -10.10
N GLU A 175 -8.41 -1.58 -8.84
CA GLU A 175 -9.82 -1.93 -8.51
C GLU A 175 -10.85 -0.93 -9.05
N ARG A 176 -10.48 0.35 -9.17
CA ARG A 176 -11.36 1.35 -9.77
C ARG A 176 -10.96 1.77 -11.21
N ASN A 177 -9.84 1.26 -11.71
CA ASN A 177 -9.29 1.59 -13.03
C ASN A 177 -9.16 3.10 -13.28
N GLU A 178 -8.53 3.81 -12.34
CA GLU A 178 -8.39 5.27 -12.43
C GLU A 178 -7.05 5.80 -11.90
N TRP A 179 -6.62 6.93 -12.44
CA TRP A 179 -5.37 7.56 -12.10
C TRP A 179 -5.67 8.81 -11.30
N ARG A 180 -4.76 9.16 -10.39
CA ARG A 180 -4.76 10.49 -9.76
C ARG A 180 -3.33 11.00 -9.58
N MET A 181 -3.18 12.32 -9.66
CA MET A 181 -1.92 12.99 -9.37
C MET A 181 -1.56 12.81 -7.90
N ILE A 182 -0.28 12.60 -7.64
CA ILE A 182 0.27 12.63 -6.29
C ILE A 182 1.21 13.82 -6.23
N THR A 183 1.85 14.00 -5.10
CA THR A 183 2.82 15.08 -4.88
C THR A 183 3.95 15.04 -5.91
N ALA A 184 4.29 16.21 -6.44
CA ALA A 184 5.33 16.32 -7.45
C ALA A 184 6.69 16.18 -6.81
N MET A 185 7.63 15.63 -7.57
CA MET A 185 9.03 15.59 -7.16
C MET A 185 9.61 17.00 -6.97
N ASN A 186 10.74 17.06 -6.30
CA ASN A 186 11.53 18.28 -6.18
C ASN A 186 12.33 18.63 -7.45
N THR A 187 12.41 17.71 -8.40
CA THR A 187 13.23 17.90 -9.59
C THR A 187 12.53 17.30 -10.78
N ILE A 188 12.65 17.99 -11.90
CA ILE A 188 12.28 17.47 -13.19
C ILE A 188 13.25 16.36 -13.55
N ARG A 189 12.71 15.18 -13.90
CA ARG A 189 13.49 14.00 -14.26
C ARG A 189 12.84 13.24 -15.44
N SER A 190 13.54 13.24 -16.56
CA SER A 190 13.26 12.36 -17.67
C SER A 190 14.33 11.23 -17.72
N GLY A 191 13.88 9.99 -17.90
CA GLY A 191 14.80 8.85 -17.94
C GLY A 191 15.51 8.59 -16.62
N ALA A 192 14.80 8.79 -15.53
CA ALA A 192 15.29 8.42 -14.22
C ALA A 192 15.12 6.93 -13.95
N GLY A 193 15.84 6.49 -12.93
CA GLY A 193 15.70 5.16 -12.40
C GLY A 193 14.65 5.26 -11.30
N VAL A 194 13.56 4.50 -11.43
CA VAL A 194 12.48 4.47 -10.44
C VAL A 194 12.21 3.04 -9.99
N CYS A 195 12.21 2.86 -8.68
CA CYS A 195 11.94 1.56 -8.07
C CYS A 195 11.38 1.72 -6.65
N VAL A 196 11.00 0.60 -6.04
CA VAL A 196 10.46 0.56 -4.69
C VAL A 196 11.41 -0.19 -3.75
N LEU A 197 11.76 0.45 -2.64
CA LEU A 197 12.50 -0.22 -1.57
C LEU A 197 11.84 0.08 -0.25
N HIS A 198 11.47 -0.99 0.45
CA HIS A 198 10.74 -0.91 1.70
C HIS A 198 9.37 -0.21 1.43
N ASN A 199 9.13 0.94 2.04
CA ASN A 199 7.85 1.61 1.87
C ASN A 199 7.97 2.93 1.06
N CYS A 200 9.01 3.03 0.25
CA CYS A 200 9.34 4.23 -0.51
C CYS A 200 9.54 3.97 -1.99
N ILE A 201 9.22 4.98 -2.78
CA ILE A 201 9.48 4.97 -4.21
C ILE A 201 10.67 5.90 -4.43
N TYR A 202 11.75 5.36 -4.99
CA TYR A 202 12.97 6.15 -5.28
C TYR A 202 12.98 6.63 -6.72
N ALA A 203 13.44 7.86 -6.94
CA ALA A 203 13.70 8.37 -8.26
C ALA A 203 15.16 8.77 -8.28
N ALA A 204 15.96 7.97 -8.95
CA ALA A 204 17.41 8.20 -9.05
C ALA A 204 17.82 8.70 -10.44
N GLY A 205 18.56 9.79 -10.46
CA GLY A 205 19.11 10.28 -11.69
C GLY A 205 18.06 10.86 -12.63
N GLY A 206 18.35 10.78 -13.92
CA GLY A 206 17.54 11.37 -14.96
C GLY A 206 18.17 12.62 -15.52
N TYR A 207 17.39 13.27 -16.37
CA TYR A 207 17.80 14.47 -17.11
C TYR A 207 16.73 15.51 -16.82
N ASP A 208 17.16 16.74 -16.49
CA ASP A 208 16.25 17.83 -16.09
C ASP A 208 15.98 18.84 -17.20
N GLY A 209 16.46 18.56 -18.41
CA GLY A 209 16.40 19.52 -19.50
C GLY A 209 17.75 20.17 -19.78
N GLN A 210 18.65 20.17 -18.79
CA GLN A 210 19.98 20.79 -18.88
C GLN A 210 21.15 19.85 -18.51
N ASP A 211 21.08 19.24 -17.33
CA ASP A 211 22.12 18.33 -16.85
C ASP A 211 21.58 16.94 -16.57
N GLN A 212 22.47 15.97 -16.68
CA GLN A 212 22.20 14.67 -16.11
C GLN A 212 22.35 14.81 -14.57
N LEU A 213 21.62 14.01 -13.81
CA LEU A 213 21.55 14.15 -12.34
C LEU A 213 22.14 12.98 -11.61
N ASN A 214 22.81 13.27 -10.49
CA ASN A 214 23.22 12.25 -9.54
C ASN A 214 22.36 12.23 -8.26
N SER A 215 21.43 13.19 -8.13
CA SER A 215 20.56 13.24 -6.95
C SER A 215 19.48 12.18 -6.98
N VAL A 216 19.06 11.79 -5.79
CA VAL A 216 18.14 10.67 -5.58
C VAL A 216 17.15 11.11 -4.53
N GLU A 217 15.88 11.18 -4.91
CA GLU A 217 14.84 11.55 -3.99
C GLU A 217 13.86 10.38 -3.84
N ARG A 218 13.20 10.32 -2.69
CA ARG A 218 12.26 9.24 -2.42
C ARG A 218 10.96 9.73 -1.87
N TYR A 219 9.87 9.07 -2.29
CA TYR A 219 8.52 9.37 -1.84
C TYR A 219 8.14 8.35 -0.78
N ASP A 220 8.02 8.81 0.46
CA ASP A 220 7.47 7.97 1.54
C ASP A 220 5.95 7.98 1.41
N VAL A 221 5.34 6.81 1.17
CA VAL A 221 3.88 6.77 0.93
C VAL A 221 3.04 7.09 2.16
N GLU A 222 3.60 6.93 3.36
CA GLU A 222 2.88 7.30 4.58
C GLU A 222 2.90 8.82 4.83
N THR A 223 3.97 9.53 4.43
CA THR A 223 4.03 11.00 4.60
C THR A 223 3.66 11.83 3.37
N GLU A 224 3.56 11.19 2.20
CA GLU A 224 3.28 11.88 0.93
C GLU A 224 4.27 13.03 0.60
N THR A 225 5.55 12.81 0.96
CA THR A 225 6.62 13.79 0.83
C THR A 225 7.82 13.20 0.09
N TRP A 226 8.38 13.99 -0.80
CA TRP A 226 9.63 13.62 -1.51
C TRP A 226 10.85 14.21 -0.80
N THR A 227 11.85 13.38 -0.49
CA THR A 227 13.06 13.81 0.24
C THR A 227 14.33 13.32 -0.46
N PHE A 228 15.33 14.20 -0.59
CA PHE A 228 16.64 13.79 -1.09
C PHE A 228 17.34 12.93 -0.06
N VAL A 229 17.85 11.80 -0.51
CA VAL A 229 18.70 10.94 0.30
C VAL A 229 20.10 11.17 -0.21
N ALA A 230 21.03 10.30 0.14
CA ALA A 230 22.39 10.44 -0.35
C ALA A 230 22.38 10.35 -1.89
N PRO A 231 23.12 11.26 -2.55
CA PRO A 231 23.23 11.19 -3.99
C PRO A 231 24.23 10.13 -4.49
N MET A 232 24.02 9.71 -5.73
CA MET A 232 24.93 8.77 -6.40
C MET A 232 26.27 9.45 -6.63
N LYS A 233 27.30 8.63 -6.79
CA LYS A 233 28.61 9.10 -7.20
C LYS A 233 28.57 9.68 -8.63
N HIS A 234 27.90 8.96 -9.55
CA HIS A 234 27.79 9.37 -10.96
C HIS A 234 26.45 10.01 -11.31
N ARG A 235 26.51 11.15 -12.00
CA ARG A 235 25.37 11.68 -12.75
C ARG A 235 24.98 10.65 -13.82
N ARG A 236 23.68 10.38 -13.96
CA ARG A 236 23.24 9.40 -14.95
C ARG A 236 21.78 9.51 -15.37
N SER A 237 21.56 9.50 -16.67
CA SER A 237 20.22 9.33 -17.22
C SER A 237 20.19 8.06 -18.04
N ALA A 238 18.99 7.55 -18.25
CA ALA A 238 18.72 6.30 -18.95
C ALA A 238 19.46 5.13 -18.32
N LEU A 239 19.36 5.05 -17.00
CA LEU A 239 20.02 4.04 -16.19
C LEU A 239 19.03 2.89 -15.94
N GLY A 240 19.56 1.70 -15.71
CA GLY A 240 18.79 0.59 -15.19
C GLY A 240 18.76 0.65 -13.66
N ILE A 241 17.70 0.12 -13.08
CA ILE A 241 17.58 0.08 -11.65
C ILE A 241 16.77 -1.13 -11.21
N THR A 242 17.09 -1.63 -10.02
CA THR A 242 16.34 -2.73 -9.43
C THR A 242 16.69 -2.90 -7.93
N VAL A 243 16.04 -3.87 -7.29
CA VAL A 243 16.25 -4.16 -5.90
C VAL A 243 16.65 -5.61 -5.71
N HIS A 244 17.75 -5.79 -4.98
CA HIS A 244 18.25 -7.11 -4.59
C HIS A 244 18.62 -7.06 -3.10
N GLN A 245 17.92 -7.90 -2.31
CA GLN A 245 18.19 -8.09 -0.90
C GLN A 245 18.28 -6.77 -0.13
N GLY A 246 17.20 -6.01 -0.24
CA GLY A 246 17.03 -4.75 0.47
C GLY A 246 17.97 -3.62 0.09
N ARG A 247 18.63 -3.73 -1.06
CA ARG A 247 19.52 -2.70 -1.59
C ARG A 247 19.12 -2.37 -3.03
N ILE A 248 19.32 -1.10 -3.40
CA ILE A 248 19.09 -0.62 -4.76
C ILE A 248 20.36 -0.82 -5.56
N TYR A 249 20.25 -1.34 -6.79
CA TYR A 249 21.36 -1.39 -7.74
C TYR A 249 20.97 -0.50 -8.91
N VAL A 250 21.82 0.46 -9.26
CA VAL A 250 21.69 1.22 -10.50
C VAL A 250 22.79 0.80 -11.48
N LEU A 251 22.45 0.67 -12.76
CA LEU A 251 23.35 0.12 -13.75
C LEU A 251 23.45 1.05 -14.95
N GLY A 252 24.66 1.53 -15.22
CA GLY A 252 24.93 2.23 -16.45
C GLY A 252 24.30 3.59 -16.56
N GLY A 253 24.03 3.99 -17.81
CA GLY A 253 23.45 5.29 -18.10
C GLY A 253 24.43 6.18 -18.81
N TYR A 254 23.99 7.39 -19.14
CA TYR A 254 24.84 8.39 -19.76
C TYR A 254 25.02 9.53 -18.76
N ASP A 255 26.26 9.95 -18.52
CA ASP A 255 26.56 11.03 -17.53
C ASP A 255 26.71 12.43 -18.12
N GLY A 256 26.54 12.55 -19.44
CA GLY A 256 26.71 13.83 -20.13
C GLY A 256 27.89 13.82 -21.03
N HIS A 257 28.72 12.79 -20.91
CA HIS A 257 29.96 12.65 -21.71
C HIS A 257 30.33 11.19 -22.04
N THR A 258 30.08 10.28 -21.10
CA THR A 258 30.46 8.88 -21.17
C THR A 258 29.22 8.00 -20.98
N PHE A 259 29.20 6.88 -21.68
CA PHE A 259 28.27 5.81 -21.37
C PHE A 259 28.90 4.94 -20.28
N LEU A 260 28.25 4.87 -19.14
CA LEU A 260 28.86 4.29 -17.96
C LEU A 260 28.81 2.77 -17.93
N ASP A 261 29.86 2.17 -17.38
CA ASP A 261 29.82 0.77 -16.98
C ASP A 261 29.58 0.59 -15.46
N SER A 262 29.62 1.69 -14.72
CA SER A 262 29.50 1.69 -13.28
C SER A 262 28.18 1.08 -12.79
N VAL A 263 28.25 0.27 -11.74
CA VAL A 263 27.07 -0.20 -11.03
C VAL A 263 27.25 0.24 -9.57
N GLU A 264 26.32 1.05 -9.08
CA GLU A 264 26.36 1.52 -7.69
C GLU A 264 25.25 0.86 -6.93
N CYS A 265 25.46 0.75 -5.63
CA CYS A 265 24.56 0.03 -4.73
C CYS A 265 24.24 0.92 -3.55
N TYR A 266 22.96 1.09 -3.26
CA TYR A 266 22.49 1.93 -2.15
C TYR A 266 21.97 1.06 -1.02
N ASP A 267 22.50 1.29 0.18
CA ASP A 267 22.08 0.60 1.38
C ASP A 267 21.33 1.62 2.21
N PRO A 268 20.00 1.44 2.32
CA PRO A 268 19.24 2.43 3.05
C PRO A 268 19.50 2.40 4.56
N ASP A 269 20.01 1.29 5.12
CA ASP A 269 20.44 1.24 6.54
C ASP A 269 21.54 2.25 6.88
N THR A 270 22.42 2.53 5.91
CA THR A 270 23.51 3.47 6.08
C THR A 270 23.41 4.77 5.26
N ASP A 271 22.38 4.91 4.40
CA ASP A 271 22.29 6.07 3.48
C ASP A 271 23.62 6.29 2.76
N THR A 272 24.15 5.25 2.13
CA THR A 272 25.42 5.32 1.41
C THR A 272 25.35 4.53 0.10
N TRP A 273 25.97 5.10 -0.94
CA TRP A 273 26.16 4.42 -2.21
C TRP A 273 27.61 3.95 -2.30
N SER A 274 27.83 2.72 -2.76
CA SER A 274 29.18 2.21 -3.07
C SER A 274 29.21 1.61 -4.48
N GLU A 275 30.34 1.73 -5.18
CA GLU A 275 30.49 1.10 -6.50
C GLU A 275 30.81 -0.37 -6.28
N VAL A 276 29.95 -1.26 -6.74
CA VAL A 276 30.14 -2.70 -6.46
C VAL A 276 30.76 -3.50 -7.60
N THR A 277 30.49 -3.09 -8.84
CA THR A 277 31.02 -3.79 -9.99
C THR A 277 31.00 -2.86 -11.19
N ARG A 278 31.40 -3.40 -12.32
CA ARG A 278 31.30 -2.76 -13.61
C ARG A 278 30.61 -3.71 -14.56
N MET A 279 29.76 -3.19 -15.43
CA MET A 279 29.24 -3.99 -16.54
C MET A 279 30.39 -4.28 -17.50
N THR A 280 30.22 -5.31 -18.29
CA THR A 280 31.28 -5.75 -19.21
C THR A 280 31.63 -4.67 -20.27
N SER A 281 30.69 -3.76 -20.54
CA SER A 281 30.92 -2.57 -21.38
C SER A 281 29.87 -1.51 -21.02
N GLY A 282 30.20 -0.25 -21.24
CA GLY A 282 29.33 0.86 -20.92
C GLY A 282 28.13 0.94 -21.85
N ARG A 283 26.99 1.24 -21.26
CA ARG A 283 25.76 1.36 -22.02
C ARG A 283 24.69 2.09 -21.19
N SER A 284 23.69 2.63 -21.90
CA SER A 284 22.52 3.28 -21.32
C SER A 284 21.28 2.54 -21.78
N GLY A 285 20.11 2.95 -21.30
CA GLY A 285 18.82 2.48 -21.83
C GLY A 285 18.53 1.00 -21.72
N VAL A 286 19.07 0.37 -20.68
CA VAL A 286 18.83 -1.04 -20.41
C VAL A 286 17.48 -1.31 -19.75
N GLY A 287 17.04 -2.56 -19.87
CA GLY A 287 15.96 -3.12 -19.07
C GLY A 287 16.56 -4.02 -18.00
N VAL A 288 16.08 -3.93 -16.77
CA VAL A 288 16.68 -4.63 -15.65
C VAL A 288 15.62 -5.28 -14.76
N ALA A 289 15.92 -6.49 -14.30
CA ALA A 289 15.08 -7.18 -13.36
C ALA A 289 15.85 -8.27 -12.61
N VAL A 290 15.22 -8.82 -11.57
CA VAL A 290 15.83 -9.73 -10.63
C VAL A 290 15.01 -11.02 -10.52
N THR A 291 15.67 -12.17 -10.69
CA THR A 291 15.06 -13.48 -10.39
C THR A 291 16.13 -14.57 -10.23
N GLY B 7 -18.38 -18.11 31.21
CA GLY B 7 -18.71 -16.70 30.79
C GLY B 7 -18.01 -16.28 29.50
N ARG B 8 -18.38 -15.11 29.02
CA ARG B 8 -17.87 -14.63 27.77
C ARG B 8 -16.46 -14.01 27.96
N LEU B 9 -15.66 -14.04 26.90
CA LEU B 9 -14.30 -13.46 26.93
C LEU B 9 -14.17 -12.29 25.96
N ILE B 10 -13.19 -11.44 26.26
CA ILE B 10 -12.83 -10.30 25.47
C ILE B 10 -11.60 -10.73 24.68
N TYR B 11 -11.76 -10.85 23.36
CA TYR B 11 -10.71 -11.27 22.44
C TYR B 11 -10.08 -10.05 21.81
N THR B 12 -8.75 -10.04 21.74
CA THR B 12 -8.01 -8.92 21.13
C THR B 12 -7.12 -9.54 20.07
N ALA B 13 -7.28 -9.10 18.83
CA ALA B 13 -6.61 -9.69 17.70
C ALA B 13 -5.69 -8.67 17.04
N GLY B 14 -4.46 -9.09 16.78
CA GLY B 14 -3.48 -8.30 16.08
C GLY B 14 -2.94 -7.15 16.90
N GLY B 15 -2.62 -6.08 16.19
CA GLY B 15 -2.06 -4.88 16.82
C GLY B 15 -0.72 -4.47 16.27
N TYR B 16 -0.16 -3.45 16.90
CA TYR B 16 1.04 -2.79 16.41
C TYR B 16 1.95 -2.37 17.55
N PHE B 17 3.20 -2.77 17.45
CA PHE B 17 4.30 -2.18 18.24
C PHE B 17 5.55 -2.43 17.43
N ARG B 18 6.09 -1.35 16.86
CA ARG B 18 7.20 -1.38 15.86
C ARG B 18 6.80 -1.96 14.52
N GLN B 19 6.02 -3.04 14.55
CA GLN B 19 5.40 -3.62 13.37
C GLN B 19 4.07 -4.27 13.76
N SER B 20 3.29 -4.63 12.74
CA SER B 20 2.03 -5.30 12.98
C SER B 20 2.27 -6.66 13.64
N LEU B 21 1.31 -7.07 14.45
CA LEU B 21 1.40 -8.23 15.31
C LEU B 21 0.40 -9.32 14.93
N SER B 22 0.69 -10.54 15.37
CA SER B 22 -0.11 -11.73 15.08
C SER B 22 -0.88 -12.26 16.26
N TYR B 23 -0.74 -11.63 17.44
CA TYR B 23 -1.41 -12.09 18.68
C TYR B 23 -2.93 -12.29 18.58
N LEU B 24 -3.45 -13.40 19.09
CA LEU B 24 -4.84 -13.51 19.52
C LEU B 24 -4.84 -13.89 21.00
N GLU B 25 -5.35 -13.00 21.83
CA GLU B 25 -5.39 -13.22 23.26
C GLU B 25 -6.78 -12.95 23.77
N ALA B 26 -7.15 -13.58 24.88
CA ALA B 26 -8.47 -13.39 25.42
C ALA B 26 -8.44 -13.17 26.94
N TYR B 27 -9.26 -12.22 27.39
CA TYR B 27 -9.29 -11.83 28.79
C TYR B 27 -10.65 -12.17 29.36
N ASN B 28 -10.63 -12.79 30.54
CA ASN B 28 -11.85 -13.17 31.27
C ASN B 28 -12.04 -12.15 32.40
N PRO B 29 -12.99 -11.22 32.23
CA PRO B 29 -13.13 -10.16 33.24
C PRO B 29 -13.57 -10.64 34.62
N SER B 30 -14.19 -11.81 34.71
CA SER B 30 -14.69 -12.26 35.98
C SER B 30 -13.59 -12.89 36.89
N ASP B 31 -12.54 -13.49 36.31
CA ASP B 31 -11.40 -14.00 37.13
C ASP B 31 -10.00 -13.41 36.83
N GLY B 32 -9.91 -12.48 35.89
CA GLY B 32 -8.69 -11.74 35.63
C GLY B 32 -7.63 -12.49 34.83
N THR B 33 -7.96 -13.65 34.26
CA THR B 33 -6.98 -14.44 33.51
C THR B 33 -6.89 -14.00 32.03
N TRP B 34 -5.74 -14.31 31.43
CA TRP B 34 -5.48 -14.13 30.00
C TRP B 34 -5.19 -15.47 29.36
N LEU B 35 -5.72 -15.72 28.17
CA LEU B 35 -5.42 -16.89 27.36
C LEU B 35 -4.60 -16.46 26.17
N ARG B 36 -3.63 -17.28 25.77
CA ARG B 36 -2.90 -17.12 24.52
C ARG B 36 -3.47 -18.11 23.52
N LEU B 37 -4.09 -17.61 22.47
CA LEU B 37 -4.74 -18.43 21.46
C LEU B 37 -3.93 -18.46 20.16
N ALA B 38 -4.39 -19.27 19.20
CA ALA B 38 -3.69 -19.38 17.93
C ALA B 38 -3.44 -18.00 17.28
N ASP B 39 -2.19 -17.75 16.89
CA ASP B 39 -1.81 -16.56 16.16
C ASP B 39 -2.61 -16.38 14.85
N LEU B 40 -2.87 -15.11 14.53
CA LEU B 40 -3.29 -14.74 13.19
C LEU B 40 -2.30 -15.30 12.17
N GLN B 41 -2.81 -15.68 11.01
CA GLN B 41 -1.95 -16.20 9.95
C GLN B 41 -1.11 -15.09 9.28
N VAL B 42 -1.64 -13.88 9.19
CA VAL B 42 -0.88 -12.74 8.69
C VAL B 42 -0.92 -11.64 9.78
N PRO B 43 0.22 -11.00 10.06
CA PRO B 43 0.18 -9.89 11.04
C PRO B 43 -0.70 -8.71 10.57
N ARG B 44 -1.51 -8.15 11.46
CA ARG B 44 -2.45 -7.09 11.08
C ARG B 44 -2.63 -6.08 12.20
N SER B 45 -2.66 -4.82 11.82
CA SER B 45 -3.10 -3.74 12.68
C SER B 45 -4.06 -2.84 11.90
N GLY B 46 -4.85 -2.06 12.61
CA GLY B 46 -5.92 -1.28 11.99
C GLY B 46 -7.10 -2.12 11.50
N LEU B 47 -7.16 -3.37 11.95
CA LEU B 47 -8.28 -4.27 11.65
C LEU B 47 -9.41 -4.08 12.67
N ALA B 48 -10.55 -4.68 12.36
CA ALA B 48 -11.67 -4.70 13.28
C ALA B 48 -12.04 -6.14 13.56
N GLY B 49 -12.62 -6.35 14.72
CA GLY B 49 -13.09 -7.63 15.16
C GLY B 49 -14.59 -7.60 15.36
N CYS B 50 -15.25 -8.73 15.13
CA CYS B 50 -16.67 -8.86 15.46
C CYS B 50 -17.04 -10.31 15.65
N VAL B 51 -18.24 -10.57 16.12
CA VAL B 51 -18.65 -11.93 16.37
C VAL B 51 -19.97 -12.21 15.70
N VAL B 52 -20.05 -13.33 15.01
CA VAL B 52 -21.31 -13.82 14.51
C VAL B 52 -21.40 -15.31 14.78
N GLY B 53 -22.47 -15.69 15.47
CA GLY B 53 -22.81 -17.09 15.67
C GLY B 53 -21.72 -17.82 16.42
N GLY B 54 -21.17 -17.16 17.47
CA GLY B 54 -20.09 -17.72 18.29
C GLY B 54 -18.70 -17.74 17.63
N LEU B 55 -18.57 -17.22 16.40
CA LEU B 55 -17.31 -17.18 15.70
C LEU B 55 -16.74 -15.77 15.67
N LEU B 56 -15.42 -15.66 15.82
CA LEU B 56 -14.75 -14.37 15.80
C LEU B 56 -14.19 -14.09 14.39
N TYR B 57 -14.46 -12.91 13.85
CA TYR B 57 -13.99 -12.50 12.53
C TYR B 57 -13.02 -11.33 12.68
N ALA B 58 -11.94 -11.35 11.90
CA ALA B 58 -10.94 -10.29 11.81
C ALA B 58 -11.01 -9.74 10.39
N VAL B 59 -11.24 -8.43 10.27
CA VAL B 59 -11.56 -7.83 8.99
C VAL B 59 -10.60 -6.70 8.72
N GLY B 60 -10.01 -6.74 7.53
CA GLY B 60 -9.21 -5.62 7.03
C GLY B 60 -7.93 -5.37 7.81
N GLY B 61 -7.54 -4.11 7.91
CA GLY B 61 -6.28 -3.70 8.54
C GLY B 61 -5.15 -3.66 7.53
N ARG B 62 -3.93 -3.75 8.05
CA ARG B 62 -2.75 -3.89 7.23
C ARG B 62 -1.63 -4.52 8.02
N ASN B 63 -0.69 -5.06 7.28
CA ASN B 63 0.58 -5.48 7.78
C ASN B 63 1.56 -4.32 7.60
N ASN B 64 1.82 -3.60 8.69
CA ASN B 64 2.81 -2.53 8.75
C ASN B 64 4.12 -3.17 9.16
N SER B 65 5.03 -3.37 8.21
CA SER B 65 6.32 -3.98 8.50
C SER B 65 7.50 -3.12 8.02
N PRO B 66 8.73 -3.41 8.50
CA PRO B 66 9.91 -2.66 8.01
C PRO B 66 10.17 -2.84 6.51
N ASP B 67 9.83 -4.02 5.96
CA ASP B 67 9.99 -4.31 4.52
C ASP B 67 8.92 -3.71 3.58
N GLY B 68 7.91 -3.04 4.16
CA GLY B 68 6.85 -2.38 3.40
C GLY B 68 5.49 -2.69 3.98
N ASN B 69 4.56 -1.74 3.83
CA ASN B 69 3.22 -1.88 4.36
C ASN B 69 2.30 -2.43 3.29
N THR B 70 1.44 -3.36 3.67
CA THR B 70 0.48 -3.99 2.77
C THR B 70 -0.92 -3.97 3.37
N ASP B 71 -1.83 -3.25 2.71
CA ASP B 71 -3.21 -3.19 3.16
C ASP B 71 -3.94 -4.49 2.86
N SER B 72 -4.89 -4.84 3.73
CA SER B 72 -5.51 -6.16 3.70
C SER B 72 -6.97 -6.03 3.32
N SER B 73 -7.43 -6.92 2.43
CA SER B 73 -8.84 -7.07 2.12
C SER B 73 -9.37 -8.38 2.71
N ALA B 74 -8.58 -9.01 3.58
CA ALA B 74 -8.89 -10.33 4.11
C ALA B 74 -10.00 -10.34 5.18
N LEU B 75 -10.75 -11.43 5.17
CA LEU B 75 -11.64 -11.76 6.24
C LEU B 75 -11.22 -13.11 6.71
N ASP B 76 -11.05 -13.25 8.02
CA ASP B 76 -10.59 -14.50 8.63
C ASP B 76 -11.45 -14.84 9.83
N CYS B 77 -11.72 -16.13 9.99
CA CYS B 77 -12.67 -16.61 10.96
C CYS B 77 -11.98 -17.51 11.97
N TYR B 78 -12.05 -17.13 13.25
CA TYR B 78 -11.50 -17.92 14.37
C TYR B 78 -12.64 -18.67 15.10
N ASN B 79 -12.46 -19.97 15.28
CA ASN B 79 -13.43 -20.80 15.99
C ASN B 79 -12.87 -21.14 17.38
N PRO B 80 -13.48 -20.59 18.47
CA PRO B 80 -13.00 -20.86 19.83
C PRO B 80 -12.98 -22.33 20.21
N MET B 81 -13.87 -23.11 19.61
CA MET B 81 -13.94 -24.54 19.88
C MET B 81 -12.77 -25.34 19.36
N THR B 82 -12.20 -24.91 18.24
CA THR B 82 -11.11 -25.60 17.59
C THR B 82 -9.76 -24.90 17.74
N ASN B 83 -9.75 -23.67 18.25
CA ASN B 83 -8.55 -22.84 18.30
C ASN B 83 -7.85 -22.72 16.94
N GLN B 84 -8.64 -22.52 15.89
CA GLN B 84 -8.16 -22.45 14.52
C GLN B 84 -8.73 -21.26 13.74
N TRP B 85 -7.88 -20.59 12.98
CA TRP B 85 -8.29 -19.56 12.01
C TRP B 85 -8.53 -20.18 10.64
N SER B 86 -9.61 -19.79 9.97
CA SER B 86 -9.90 -20.18 8.60
C SER B 86 -10.10 -18.94 7.76
N PRO B 87 -9.51 -18.90 6.54
CA PRO B 87 -9.81 -17.79 5.63
C PRO B 87 -11.22 -17.82 5.09
N CYS B 88 -11.74 -16.63 4.81
CA CYS B 88 -13.06 -16.47 4.20
C CYS B 88 -12.86 -15.64 2.93
N ALA B 89 -13.94 -15.37 2.22
CA ALA B 89 -13.89 -14.58 1.00
C ALA B 89 -13.42 -13.16 1.34
N PRO B 90 -12.51 -12.63 0.52
CA PRO B 90 -11.99 -11.29 0.79
C PRO B 90 -12.97 -10.21 0.34
N MET B 91 -12.83 -9.03 0.94
CA MET B 91 -13.60 -7.86 0.51
C MET B 91 -13.19 -7.45 -0.90
N SER B 92 -13.99 -6.59 -1.49
CA SER B 92 -13.75 -6.12 -2.85
C SER B 92 -12.53 -5.18 -2.97
N VAL B 93 -12.17 -4.52 -1.86
CA VAL B 93 -11.00 -3.63 -1.78
C VAL B 93 -10.29 -3.78 -0.41
N PRO B 94 -8.97 -3.49 -0.37
CA PRO B 94 -8.30 -3.42 0.92
C PRO B 94 -8.86 -2.27 1.77
N ARG B 95 -9.02 -2.51 3.07
CA ARG B 95 -9.55 -1.51 4.00
C ARG B 95 -8.77 -1.51 5.31
N ASN B 96 -7.78 -0.64 5.38
CA ASN B 96 -7.02 -0.38 6.57
C ASN B 96 -7.76 0.67 7.37
N ARG B 97 -7.71 0.56 8.69
CA ARG B 97 -8.42 1.45 9.62
C ARG B 97 -9.91 1.47 9.35
N ILE B 98 -10.40 0.25 9.21
CA ILE B 98 -11.78 -0.09 8.94
C ILE B 98 -12.63 0.05 10.19
N GLY B 99 -13.93 0.25 9.98
CA GLY B 99 -14.93 0.11 11.03
C GLY B 99 -15.86 -1.00 10.65
N VAL B 100 -16.39 -1.71 11.64
CA VAL B 100 -17.26 -2.87 11.43
C VAL B 100 -18.43 -2.89 12.39
N GLY B 101 -19.59 -3.33 11.88
CA GLY B 101 -20.78 -3.60 12.70
C GLY B 101 -21.57 -4.79 12.18
N VAL B 102 -22.37 -5.39 13.07
CA VAL B 102 -23.13 -6.58 12.78
C VAL B 102 -24.63 -6.32 12.97
N ILE B 103 -25.41 -6.61 11.92
CA ILE B 103 -26.87 -6.57 12.01
C ILE B 103 -27.42 -7.83 11.34
N ASP B 104 -28.26 -8.57 12.07
CA ASP B 104 -28.88 -9.84 11.59
C ASP B 104 -27.89 -10.82 11.03
N GLY B 105 -26.80 -11.02 11.77
CA GLY B 105 -25.78 -11.99 11.36
C GLY B 105 -25.00 -11.67 10.08
N HIS B 106 -25.01 -10.41 9.62
CA HIS B 106 -24.22 -9.98 8.48
C HIS B 106 -23.21 -8.96 8.98
N ILE B 107 -22.01 -8.96 8.39
CA ILE B 107 -20.93 -8.06 8.79
C ILE B 107 -20.87 -6.89 7.84
N TYR B 108 -20.94 -5.66 8.36
CA TYR B 108 -20.77 -4.47 7.54
C TYR B 108 -19.37 -3.94 7.66
N ALA B 109 -18.65 -3.88 6.54
CA ALA B 109 -17.34 -3.26 6.48
C ALA B 109 -17.49 -1.85 5.99
N VAL B 110 -16.99 -0.91 6.78
CA VAL B 110 -17.22 0.50 6.55
C VAL B 110 -15.93 1.26 6.34
N GLY B 111 -15.81 1.92 5.20
CA GLY B 111 -14.71 2.84 4.92
C GLY B 111 -13.32 2.24 4.98
N GLY B 112 -12.40 2.98 5.57
CA GLY B 112 -10.98 2.62 5.58
C GLY B 112 -10.16 3.21 4.44
N SER B 113 -8.87 2.89 4.44
CA SER B 113 -7.96 3.33 3.37
C SER B 113 -7.28 2.18 2.68
N HIS B 114 -6.86 2.43 1.45
CA HIS B 114 -5.87 1.62 0.74
C HIS B 114 -4.87 2.60 0.16
N GLY B 115 -3.69 2.70 0.79
CA GLY B 115 -2.69 3.69 0.41
C GLY B 115 -3.30 5.08 0.47
N CYS B 116 -3.18 5.84 -0.62
CA CYS B 116 -3.79 7.16 -0.69
C CYS B 116 -5.30 7.16 -0.99
N ILE B 117 -5.92 6.01 -1.19
CA ILE B 117 -7.36 5.95 -1.46
C ILE B 117 -8.11 5.90 -0.13
N HIS B 118 -9.07 6.82 0.05
CA HIS B 118 -9.87 6.93 1.26
C HIS B 118 -11.32 6.59 0.92
N HIS B 119 -11.79 5.48 1.48
CA HIS B 119 -13.04 4.88 1.07
C HIS B 119 -14.24 5.54 1.76
N ASN B 120 -15.26 5.85 0.97
CA ASN B 120 -16.60 6.06 1.50
C ASN B 120 -17.46 4.80 1.30
N SER B 121 -16.94 3.80 0.58
CA SER B 121 -17.71 2.60 0.28
C SER B 121 -17.93 1.70 1.49
N VAL B 122 -18.95 0.87 1.39
CA VAL B 122 -19.39 -0.02 2.46
C VAL B 122 -19.83 -1.30 1.81
N GLU B 123 -19.48 -2.43 2.44
CA GLU B 123 -19.89 -3.72 1.93
C GLU B 123 -20.30 -4.66 3.03
N ARG B 124 -21.06 -5.67 2.65
CA ARG B 124 -21.74 -6.53 3.59
C ARG B 124 -21.41 -7.99 3.33
N TYR B 125 -21.04 -8.69 4.40
CA TYR B 125 -20.70 -10.10 4.33
C TYR B 125 -21.82 -11.00 4.88
N GLU B 126 -22.17 -12.04 4.13
CA GLU B 126 -23.09 -13.10 4.55
C GLU B 126 -22.31 -14.36 4.88
N PRO B 127 -22.18 -14.71 6.16
CA PRO B 127 -21.44 -15.91 6.53
C PRO B 127 -21.96 -17.19 5.94
N GLU B 128 -23.29 -17.32 5.86
CA GLU B 128 -23.88 -18.55 5.33
C GLU B 128 -23.58 -18.77 3.83
N ARG B 129 -23.36 -17.71 3.06
CA ARG B 129 -22.98 -17.82 1.64
C ARG B 129 -21.49 -17.57 1.34
N ASP B 130 -20.75 -17.03 2.32
CA ASP B 130 -19.34 -16.62 2.15
C ASP B 130 -19.16 -15.64 0.97
N GLU B 131 -19.99 -14.59 0.97
CA GLU B 131 -20.07 -13.59 -0.09
C GLU B 131 -20.13 -12.18 0.49
N TRP B 132 -19.42 -11.26 -0.17
CA TRP B 132 -19.55 -9.84 0.08
C TRP B 132 -20.41 -9.22 -1.02
N HIS B 133 -21.21 -8.21 -0.66
CA HIS B 133 -21.98 -7.42 -1.61
C HIS B 133 -21.91 -5.95 -1.23
N LEU B 134 -21.71 -5.07 -2.21
CA LEU B 134 -21.70 -3.62 -1.94
C LEU B 134 -23.07 -3.15 -1.51
N VAL B 135 -23.10 -2.22 -0.58
CA VAL B 135 -24.32 -1.54 -0.21
C VAL B 135 -24.07 -0.06 -0.48
N ALA B 136 -25.01 0.81 -0.11
CA ALA B 136 -24.88 2.23 -0.38
C ALA B 136 -23.65 2.82 0.32
N PRO B 137 -22.91 3.70 -0.38
CA PRO B 137 -21.75 4.32 0.24
C PRO B 137 -22.14 5.39 1.25
N MET B 138 -21.25 5.65 2.19
CA MET B 138 -21.45 6.75 3.12
C MET B 138 -21.40 8.09 2.40
N LEU B 139 -21.90 9.10 3.10
CA LEU B 139 -21.88 10.49 2.65
C LEU B 139 -20.50 11.11 2.76
N THR B 140 -19.64 10.52 3.59
CA THR B 140 -18.28 11.01 3.85
C THR B 140 -17.28 9.86 3.73
N ARG B 141 -16.10 10.14 3.18
CA ARG B 141 -14.97 9.22 3.24
C ARG B 141 -14.48 9.18 4.67
N ARG B 142 -14.29 8.00 5.23
CA ARG B 142 -13.89 7.89 6.64
C ARG B 142 -12.90 6.74 6.84
N ILE B 143 -11.68 7.07 7.23
CA ILE B 143 -10.71 6.09 7.66
C ILE B 143 -10.49 6.30 9.15
N GLY B 144 -10.27 5.22 9.89
CA GLY B 144 -10.14 5.31 11.35
C GLY B 144 -11.48 5.68 11.94
N VAL B 145 -12.52 5.22 11.27
CA VAL B 145 -13.90 5.43 11.65
C VAL B 145 -14.27 4.45 12.76
N GLY B 146 -15.13 4.88 13.68
CA GLY B 146 -15.71 3.99 14.67
C GLY B 146 -17.11 3.66 14.24
N VAL B 147 -17.56 2.44 14.52
CA VAL B 147 -18.88 1.95 14.07
C VAL B 147 -19.63 1.34 15.24
N ALA B 148 -20.92 1.64 15.33
CA ALA B 148 -21.81 1.09 16.36
C ALA B 148 -23.18 0.74 15.80
N VAL B 149 -23.79 -0.28 16.38
CA VAL B 149 -25.10 -0.75 15.95
C VAL B 149 -26.07 -0.46 17.07
N LEU B 150 -27.13 0.28 16.76
CA LEU B 150 -28.14 0.66 17.75
C LEU B 150 -29.48 0.75 17.04
N ASN B 151 -30.50 0.10 17.58
CA ASN B 151 -31.86 0.10 17.01
C ASN B 151 -31.88 -0.39 15.56
N ARG B 152 -31.04 -1.38 15.28
CA ARG B 152 -30.90 -1.97 13.95
C ARG B 152 -30.49 -0.95 12.89
N LEU B 153 -29.74 0.06 13.33
CA LEU B 153 -29.11 1.05 12.51
C LEU B 153 -27.61 1.00 12.76
N LEU B 154 -26.84 1.38 11.76
CA LEU B 154 -25.40 1.32 11.83
C LEU B 154 -24.93 2.76 11.81
N TYR B 155 -24.21 3.16 12.84
CA TYR B 155 -23.70 4.51 12.94
C TYR B 155 -22.21 4.48 12.66
N ALA B 156 -21.74 5.45 11.88
CA ALA B 156 -20.34 5.65 11.55
C ALA B 156 -19.92 7.00 12.11
N VAL B 157 -18.89 7.01 12.96
CA VAL B 157 -18.58 8.16 13.79
C VAL B 157 -17.13 8.54 13.55
N GLY B 158 -16.92 9.81 13.23
CA GLY B 158 -15.60 10.38 13.16
C GLY B 158 -14.81 9.86 11.98
N GLY B 159 -13.49 9.92 12.13
CA GLY B 159 -12.55 9.44 11.16
C GLY B 159 -11.71 10.56 10.55
N PHE B 160 -11.01 10.17 9.49
CA PHE B 160 -10.17 11.03 8.67
C PHE B 160 -10.71 10.89 7.23
N ASP B 161 -11.02 12.03 6.57
CA ASP B 161 -11.52 12.04 5.16
C ASP B 161 -10.43 12.07 4.08
N GLY B 162 -9.15 12.04 4.46
CA GLY B 162 -8.06 12.22 3.52
C GLY B 162 -7.40 13.58 3.71
N THR B 163 -8.14 14.56 4.25
CA THR B 163 -7.65 15.92 4.46
C THR B 163 -7.81 16.41 5.91
N ASN B 164 -9.04 16.42 6.44
CA ASN B 164 -9.33 16.79 7.84
C ASN B 164 -9.89 15.63 8.64
N ARG B 165 -9.62 15.65 9.94
CA ARG B 165 -10.24 14.70 10.84
C ARG B 165 -11.63 15.23 11.18
N LEU B 166 -12.52 14.30 11.49
CA LEU B 166 -13.96 14.54 11.47
C LEU B 166 -14.58 14.45 12.86
N ASN B 167 -15.44 15.41 13.21
CA ASN B 167 -16.38 15.28 14.31
C ASN B 167 -17.77 14.82 13.83
N SER B 168 -17.93 14.68 12.51
CA SER B 168 -19.22 14.31 11.94
C SER B 168 -19.51 12.82 12.11
N ALA B 169 -20.80 12.50 12.10
CA ALA B 169 -21.29 11.14 12.20
C ALA B 169 -22.47 10.95 11.29
N GLU B 170 -22.74 9.70 10.94
CA GLU B 170 -23.86 9.41 10.08
C GLU B 170 -24.39 8.02 10.32
N CYS B 171 -25.58 7.79 9.80
CA CYS B 171 -26.38 6.66 10.20
C CYS B 171 -26.91 5.95 8.95
N TYR B 172 -26.72 4.62 8.92
CA TYR B 172 -27.20 3.75 7.83
C TYR B 172 -28.50 3.05 8.21
N TYR B 173 -29.43 3.01 7.26
CA TYR B 173 -30.75 2.41 7.41
C TYR B 173 -30.75 1.20 6.50
N PRO B 174 -30.56 -0.01 7.04
CA PRO B 174 -30.40 -1.23 6.18
C PRO B 174 -31.58 -1.58 5.30
N GLU B 175 -32.79 -1.36 5.81
CA GLU B 175 -33.99 -1.71 5.08
C GLU B 175 -34.19 -0.80 3.87
N ARG B 176 -33.89 0.49 4.04
CA ARG B 176 -33.97 1.46 2.96
C ARG B 176 -32.68 1.57 2.13
N ASN B 177 -31.56 1.07 2.67
CA ASN B 177 -30.23 1.16 2.05
C ASN B 177 -29.84 2.62 1.75
N GLU B 178 -29.77 3.44 2.80
CA GLU B 178 -29.36 4.83 2.65
C GLU B 178 -28.78 5.37 3.94
N TRP B 179 -28.02 6.45 3.82
CA TRP B 179 -27.32 7.12 4.94
C TRP B 179 -27.87 8.55 5.20
N ARG B 180 -27.94 8.96 6.46
CA ARG B 180 -28.19 10.35 6.84
C ARG B 180 -27.15 10.80 7.85
N MET B 181 -26.77 12.07 7.74
CA MET B 181 -25.96 12.72 8.75
C MET B 181 -26.76 12.87 10.03
N ILE B 182 -26.11 12.66 11.17
CA ILE B 182 -26.67 12.99 12.48
C ILE B 182 -25.90 14.19 13.06
N THR B 183 -26.22 14.57 14.29
CA THR B 183 -25.46 15.62 15.00
C THR B 183 -23.98 15.24 15.14
N ALA B 184 -23.10 16.20 14.87
CA ALA B 184 -21.65 16.02 14.98
C ALA B 184 -21.22 15.97 16.45
N MET B 185 -20.14 15.25 16.73
CA MET B 185 -19.57 15.20 18.07
C MET B 185 -19.04 16.58 18.45
N ASN B 186 -18.81 16.76 19.75
CA ASN B 186 -18.19 17.97 20.29
C ASN B 186 -16.73 18.04 19.85
N THR B 187 -16.10 16.89 19.67
CA THR B 187 -14.68 16.78 19.40
C THR B 187 -14.40 16.03 18.11
N ILE B 188 -13.39 16.48 17.39
CA ILE B 188 -12.87 15.78 16.21
C ILE B 188 -12.08 14.56 16.66
N ARG B 189 -12.35 13.41 16.05
CA ARG B 189 -11.72 12.15 16.45
C ARG B 189 -11.52 11.19 15.29
N SER B 190 -10.28 10.84 14.99
CA SER B 190 -9.98 9.65 14.19
C SER B 190 -9.33 8.61 15.09
N GLY B 191 -9.70 7.35 14.87
CA GLY B 191 -9.12 6.24 15.60
C GLY B 191 -9.61 6.19 17.03
N ALA B 192 -10.87 6.55 17.21
CA ALA B 192 -11.49 6.48 18.52
C ALA B 192 -12.12 5.09 18.71
N GLY B 193 -12.40 4.74 19.96
CA GLY B 193 -13.21 3.58 20.29
C GLY B 193 -14.66 3.97 20.30
N VAL B 194 -15.46 3.30 19.48
CA VAL B 194 -16.90 3.54 19.43
C VAL B 194 -17.65 2.25 19.74
N CYS B 195 -18.62 2.35 20.65
CA CYS B 195 -19.42 1.20 21.09
C CYS B 195 -20.76 1.67 21.58
N VAL B 196 -21.65 0.74 21.84
CA VAL B 196 -22.96 1.04 22.37
C VAL B 196 -23.10 0.50 23.80
N LEU B 197 -23.62 1.31 24.71
CA LEU B 197 -23.91 0.86 26.07
C LEU B 197 -25.19 1.51 26.56
N HIS B 198 -26.10 0.69 27.07
CA HIS B 198 -27.42 1.13 27.55
C HIS B 198 -28.06 2.19 26.65
N ASN B 199 -28.18 1.86 25.36
CA ASN B 199 -28.90 2.70 24.38
C ASN B 199 -28.24 4.04 23.97
N CYS B 200 -26.97 4.23 24.33
CA CYS B 200 -26.19 5.38 23.90
C CYS B 200 -24.96 4.92 23.13
N ILE B 201 -24.46 5.79 22.25
CA ILE B 201 -23.24 5.52 21.52
C ILE B 201 -22.11 6.28 22.19
N TYR B 202 -21.04 5.58 22.57
CA TYR B 202 -19.88 6.21 23.20
C TYR B 202 -18.77 6.32 22.18
N ALA B 203 -18.08 7.45 22.21
CA ALA B 203 -16.90 7.73 21.43
C ALA B 203 -15.81 8.11 22.44
N ALA B 204 -14.81 7.24 22.59
CA ALA B 204 -13.75 7.39 23.55
C ALA B 204 -12.41 7.55 22.83
N GLY B 205 -11.70 8.60 23.22
CA GLY B 205 -10.32 8.81 22.78
C GLY B 205 -10.21 9.19 21.33
N GLY B 206 -9.14 8.72 20.70
CA GLY B 206 -8.80 9.06 19.33
C GLY B 206 -7.77 10.16 19.23
N TYR B 207 -7.65 10.70 18.04
CA TYR B 207 -6.68 11.75 17.70
C TYR B 207 -7.45 12.88 17.02
N ASP B 208 -7.21 14.12 17.44
CA ASP B 208 -7.93 15.28 16.88
C ASP B 208 -7.15 16.05 15.81
N GLY B 209 -6.02 15.51 15.35
CA GLY B 209 -5.10 16.24 14.47
C GLY B 209 -3.90 16.86 15.17
N GLN B 210 -4.04 17.19 16.45
CA GLN B 210 -2.93 17.72 17.27
C GLN B 210 -2.55 16.79 18.45
N ASP B 211 -3.53 16.34 19.22
CA ASP B 211 -3.27 15.53 20.43
C ASP B 211 -4.06 14.22 20.49
N GLN B 212 -3.47 13.24 21.17
CA GLN B 212 -4.19 12.06 21.52
C GLN B 212 -5.12 12.49 22.63
N LEU B 213 -6.29 11.85 22.68
CA LEU B 213 -7.39 12.29 23.51
C LEU B 213 -7.69 11.27 24.61
N ASN B 214 -8.07 11.78 25.78
CA ASN B 214 -8.68 10.96 26.83
C ASN B 214 -10.14 11.24 27.04
N SER B 215 -10.70 12.19 26.29
CA SER B 215 -12.10 12.57 26.52
C SER B 215 -13.01 11.52 25.92
N VAL B 216 -14.23 11.46 26.46
CA VAL B 216 -15.21 10.46 26.08
C VAL B 216 -16.55 11.18 26.02
N GLU B 217 -17.31 10.95 24.95
CA GLU B 217 -18.62 11.55 24.85
C GLU B 217 -19.66 10.53 24.40
N ARG B 218 -20.93 10.76 24.75
CA ARG B 218 -21.99 9.86 24.34
C ARG B 218 -23.18 10.57 23.70
N TYR B 219 -23.73 9.90 22.70
CA TYR B 219 -24.87 10.34 21.92
C TYR B 219 -26.12 9.65 22.41
N ASP B 220 -27.09 10.44 22.86
CA ASP B 220 -28.43 9.93 23.18
C ASP B 220 -29.30 10.16 21.94
N VAL B 221 -29.89 9.10 21.38
CA VAL B 221 -30.59 9.22 20.09
C VAL B 221 -31.91 9.99 20.11
N GLU B 222 -32.61 10.01 21.24
CA GLU B 222 -33.90 10.72 21.30
C GLU B 222 -33.68 12.23 21.53
N THR B 223 -32.69 12.61 22.35
CA THR B 223 -32.31 14.03 22.47
C THR B 223 -31.41 14.54 21.34
N GLU B 224 -30.84 13.66 20.52
CA GLU B 224 -29.96 14.06 19.40
C GLU B 224 -28.79 14.97 19.83
N THR B 225 -28.20 14.61 20.96
CA THR B 225 -27.19 15.40 21.66
C THR B 225 -25.98 14.52 22.07
N TRP B 226 -24.79 15.05 21.82
CA TRP B 226 -23.56 14.47 22.31
C TRP B 226 -23.17 15.15 23.63
N THR B 227 -22.86 14.35 24.66
CA THR B 227 -22.53 14.85 26.01
C THR B 227 -21.23 14.21 26.50
N PHE B 228 -20.34 15.01 27.07
CA PHE B 228 -19.11 14.51 27.67
C PHE B 228 -19.44 13.76 28.95
N VAL B 229 -18.71 12.67 29.19
CA VAL B 229 -18.76 11.92 30.44
C VAL B 229 -17.36 11.96 31.00
N ALA B 230 -17.06 11.17 32.03
CA ALA B 230 -15.72 11.21 32.61
C ALA B 230 -14.66 10.84 31.58
N PRO B 231 -13.49 11.50 31.63
CA PRO B 231 -12.40 11.08 30.74
C PRO B 231 -11.68 9.80 31.20
N MET B 232 -11.07 9.14 30.24
CA MET B 232 -10.19 8.00 30.49
C MET B 232 -8.95 8.44 31.26
N LYS B 233 -8.38 7.51 32.01
CA LYS B 233 -7.17 7.73 32.73
C LYS B 233 -5.99 8.01 31.80
N HIS B 234 -5.96 7.35 30.64
CA HIS B 234 -4.92 7.54 29.67
C HIS B 234 -5.47 8.09 28.39
N ARG B 235 -4.74 9.02 27.79
CA ARG B 235 -4.93 9.38 26.39
C ARG B 235 -4.69 8.16 25.50
N ARG B 236 -5.56 7.94 24.53
CA ARG B 236 -5.46 6.76 23.66
C ARG B 236 -5.97 7.06 22.26
N SER B 237 -5.09 6.84 21.29
CA SER B 237 -5.46 6.81 19.91
C SER B 237 -5.28 5.37 19.47
N ALA B 238 -6.03 4.96 18.46
CA ALA B 238 -6.03 3.60 17.92
C ALA B 238 -6.26 2.55 19.01
N LEU B 239 -7.30 2.77 19.80
CA LEU B 239 -7.63 1.86 20.92
C LEU B 239 -8.60 0.79 20.46
N GLY B 240 -8.55 -0.35 21.15
CA GLY B 240 -9.59 -1.37 21.03
C GLY B 240 -10.66 -1.07 22.07
N ILE B 241 -11.91 -1.40 21.76
CA ILE B 241 -13.02 -1.16 22.66
C ILE B 241 -14.06 -2.27 22.55
N THR B 242 -14.77 -2.51 23.64
CA THR B 242 -15.90 -3.42 23.63
C THR B 242 -16.76 -3.29 24.89
N VAL B 243 -17.90 -3.95 24.88
CA VAL B 243 -18.80 -3.95 26.03
C VAL B 243 -18.91 -5.37 26.60
N HIS B 244 -18.83 -5.47 27.92
CA HIS B 244 -18.97 -6.75 28.61
C HIS B 244 -19.71 -6.51 29.92
N GLN B 245 -20.86 -7.17 30.08
CA GLN B 245 -21.72 -7.03 31.27
C GLN B 245 -21.93 -5.60 31.78
N GLY B 246 -22.44 -4.75 30.91
CA GLY B 246 -22.81 -3.39 31.26
C GLY B 246 -21.66 -2.44 31.53
N ARG B 247 -20.46 -2.77 31.07
CA ARG B 247 -19.29 -1.91 31.26
C ARG B 247 -18.49 -1.85 29.97
N ILE B 248 -17.82 -0.73 29.73
CA ILE B 248 -16.99 -0.56 28.54
C ILE B 248 -15.57 -0.96 28.94
N TYR B 249 -14.87 -1.69 28.08
CA TYR B 249 -13.47 -1.92 28.23
C TYR B 249 -12.73 -1.30 27.05
N VAL B 250 -11.63 -0.61 27.34
CA VAL B 250 -10.71 -0.10 26.30
C VAL B 250 -9.34 -0.75 26.49
N LEU B 251 -8.70 -1.13 25.38
CA LEU B 251 -7.45 -1.86 25.38
C LEU B 251 -6.42 -1.20 24.49
N GLY B 252 -5.28 -0.87 25.08
CA GLY B 252 -4.13 -0.44 24.34
C GLY B 252 -4.28 0.92 23.73
N GLY B 253 -3.53 1.15 22.66
CA GLY B 253 -3.51 2.43 21.95
C GLY B 253 -2.19 3.14 22.15
N TYR B 254 -2.09 4.34 21.56
CA TYR B 254 -0.89 5.16 21.64
C TYR B 254 -1.25 6.42 22.40
N ASP B 255 -0.46 6.79 23.41
CA ASP B 255 -0.76 7.97 24.25
C ASP B 255 0.03 9.23 23.85
N GLY B 256 0.85 9.12 22.80
CA GLY B 256 1.71 10.21 22.32
C GLY B 256 3.19 9.92 22.52
N HIS B 257 3.48 8.84 23.22
CA HIS B 257 4.84 8.37 23.46
C HIS B 257 4.90 6.87 23.55
N THR B 258 4.00 6.28 24.34
CA THR B 258 4.04 4.87 24.75
C THR B 258 2.86 4.09 24.13
N PHE B 259 3.17 2.88 23.67
CA PHE B 259 2.14 1.96 23.20
C PHE B 259 1.63 1.20 24.43
N LEU B 260 0.40 1.48 24.81
CA LEU B 260 -0.14 1.11 26.11
C LEU B 260 -0.47 -0.34 26.23
N ASP B 261 -0.14 -0.89 27.38
CA ASP B 261 -0.55 -2.24 27.73
C ASP B 261 -1.76 -2.17 28.66
N SER B 262 -2.21 -0.99 29.06
CA SER B 262 -3.29 -0.92 30.03
C SER B 262 -4.68 -1.15 29.43
N VAL B 263 -5.56 -1.74 30.23
CA VAL B 263 -6.95 -1.93 29.95
C VAL B 263 -7.74 -1.22 31.04
N GLU B 264 -8.62 -0.31 30.62
CA GLU B 264 -9.47 0.44 31.53
C GLU B 264 -10.92 0.01 31.34
N CYS B 265 -11.67 0.12 32.41
CA CYS B 265 -13.06 -0.23 32.47
C CYS B 265 -13.88 1.01 32.82
N TYR B 266 -14.97 1.27 32.09
CA TYR B 266 -15.93 2.32 32.44
C TYR B 266 -17.21 1.75 33.06
N ASP B 267 -17.55 2.25 34.24
CA ASP B 267 -18.80 1.88 34.91
C ASP B 267 -19.76 3.05 34.76
N PRO B 268 -20.81 2.91 33.94
CA PRO B 268 -21.73 4.02 33.77
C PRO B 268 -22.58 4.39 35.00
N ASP B 269 -22.75 3.49 35.97
CA ASP B 269 -23.48 3.84 37.21
C ASP B 269 -22.76 4.91 38.03
N THR B 270 -21.43 4.81 38.11
CA THR B 270 -20.62 5.75 38.90
C THR B 270 -19.93 6.81 38.04
N ASP B 271 -20.06 6.69 36.70
CA ASP B 271 -19.31 7.52 35.73
C ASP B 271 -17.81 7.52 36.03
N THR B 272 -17.21 6.34 36.07
CA THR B 272 -15.84 6.17 36.54
C THR B 272 -15.07 5.26 35.61
N TRP B 273 -13.84 5.68 35.27
CA TRP B 273 -12.89 4.84 34.53
C TRP B 273 -11.82 4.37 35.49
N SER B 274 -11.42 3.12 35.38
CA SER B 274 -10.23 2.63 36.07
C SER B 274 -9.53 1.52 35.30
N GLU B 275 -8.19 1.47 35.46
CA GLU B 275 -7.41 0.34 34.99
C GLU B 275 -7.89 -0.90 35.73
N VAL B 276 -8.04 -2.01 35.01
CA VAL B 276 -8.38 -3.33 35.62
C VAL B 276 -7.42 -4.50 35.32
N THR B 277 -6.67 -4.41 34.23
CA THR B 277 -5.70 -5.43 33.90
C THR B 277 -4.67 -4.82 32.95
N ARG B 278 -3.67 -5.60 32.61
CA ARG B 278 -2.76 -5.25 31.54
C ARG B 278 -2.58 -6.39 30.54
N MET B 279 -2.42 -6.00 29.29
CA MET B 279 -2.08 -6.95 28.24
C MET B 279 -0.67 -7.47 28.46
N THR B 280 -0.33 -8.55 27.75
CA THR B 280 1.00 -9.18 27.86
C THR B 280 2.11 -8.31 27.27
N SER B 281 1.74 -7.38 26.39
CA SER B 281 2.67 -6.37 25.85
C SER B 281 1.90 -5.19 25.29
N GLY B 282 2.52 -4.01 25.32
CA GLY B 282 1.90 -2.80 24.84
C GLY B 282 1.67 -2.83 23.33
N ARG B 283 0.52 -2.33 22.89
CA ARG B 283 0.17 -2.31 21.47
C ARG B 283 -0.98 -1.37 21.16
N SER B 284 -1.04 -0.93 19.90
CA SER B 284 -2.14 -0.14 19.37
C SER B 284 -2.79 -0.91 18.24
N GLY B 285 -3.89 -0.37 17.73
CA GLY B 285 -4.53 -0.84 16.51
C GLY B 285 -5.04 -2.27 16.50
N VAL B 286 -5.46 -2.76 17.67
CA VAL B 286 -6.05 -4.11 17.77
C VAL B 286 -7.51 -4.15 17.36
N GLY B 287 -7.96 -5.36 17.02
CA GLY B 287 -9.38 -5.67 16.82
C GLY B 287 -9.92 -6.36 18.06
N VAL B 288 -11.12 -5.99 18.51
CA VAL B 288 -11.69 -6.52 19.74
C VAL B 288 -13.15 -6.94 19.52
N ALA B 289 -13.52 -8.05 20.15
CA ALA B 289 -14.90 -8.52 20.22
C ALA B 289 -15.13 -9.44 21.44
N VAL B 290 -16.39 -9.74 21.71
CA VAL B 290 -16.77 -10.52 22.88
C VAL B 290 -17.59 -11.74 22.45
N THR B 291 -17.16 -12.92 22.88
CA THR B 291 -18.02 -14.12 22.82
C THR B 291 -17.62 -15.14 23.84
N GLU C 2 17.43 13.70 -26.43
CA GLU C 2 18.07 12.68 -25.57
C GLU C 2 18.51 11.61 -26.57
N TRP C 3 19.61 11.89 -27.28
CA TRP C 3 20.10 11.02 -28.37
C TRP C 3 20.74 9.75 -27.86
N TRP C 4 21.01 9.71 -26.57
CA TRP C 4 21.90 8.73 -25.95
C TRP C 4 21.21 7.46 -25.47
N TRP C 5 19.98 7.23 -25.92
CA TRP C 5 19.28 5.94 -25.75
C TRP C 5 18.18 5.74 -26.76
N GLU D 2 -0.56 10.03 11.11
CA GLU D 2 -1.05 9.04 12.15
C GLU D 2 -0.33 7.68 11.93
N TRP D 3 0.95 7.61 12.29
CA TRP D 3 1.85 6.47 11.93
C TRP D 3 1.78 5.26 12.87
N TRP D 4 1.14 5.44 14.01
CA TRP D 4 1.25 4.53 15.16
C TRP D 4 0.20 3.41 15.21
N TRP D 5 -0.19 2.91 14.04
CA TRP D 5 -0.94 1.66 13.91
C TRP D 5 -1.00 1.15 12.48
#